data_9ARD
#
_entry.id   9ARD
#
_cell.length_a   46.918
_cell.length_b   63.586
_cell.length_c   48.186
_cell.angle_alpha   90.000
_cell.angle_beta   117.391
_cell.angle_gamma   90.000
#
_symmetry.space_group_name_H-M   'P 1 21 1'
#
loop_
_entity.id
_entity.type
_entity.pdbx_description
1 polymer 'Cytidylate cyclase'
2 water water
#
_entity_poly.entity_id   1
_entity_poly.type   'polypeptide(L)'
_entity_poly.pdbx_seq_one_letter_code
;SQFNFECFVIEDNKEVLYNSVSRFLPKKRRLTFKLSIYPGPGIGDLKIIFCKRNHGQEAKDDLSEDYSISIEDNKLIRVK
NADNLSLLRKDGCYVLTVPEETLFRGLHTMEVIVRGNHETLFYRNIIGVYIK
;
_entity_poly.pdbx_strand_id   A,B
#
# COMPACT_ATOMS: atom_id res chain seq x y z
N SER A 1 10.17 -15.30 -13.91
CA SER A 1 10.09 -14.16 -14.81
C SER A 1 10.56 -12.87 -14.12
N GLN A 2 11.13 -11.95 -14.91
CA GLN A 2 11.61 -10.69 -14.38
C GLN A 2 10.47 -9.73 -14.04
N PHE A 3 9.33 -9.86 -14.72
CA PHE A 3 8.14 -9.07 -14.45
C PHE A 3 6.93 -9.97 -14.30
N ASN A 4 6.02 -9.58 -13.42
CA ASN A 4 4.74 -10.28 -13.29
C ASN A 4 3.65 -9.26 -13.00
N PHE A 5 2.43 -9.60 -13.42
CA PHE A 5 1.29 -8.71 -13.28
C PHE A 5 0.08 -9.56 -12.91
N GLU A 6 -0.54 -9.26 -11.77
CA GLU A 6 -1.59 -10.09 -11.20
C GLU A 6 -2.71 -9.23 -10.64
N CYS A 7 -3.93 -9.79 -10.67
CA CYS A 7 -5.09 -9.18 -10.03
C CYS A 7 -5.56 -10.07 -8.90
N PHE A 8 -5.75 -9.51 -7.72
CA PHE A 8 -6.27 -10.23 -6.56
C PHE A 8 -7.58 -9.61 -6.11
N VAL A 9 -8.53 -10.47 -5.73
CA VAL A 9 -9.79 -10.03 -5.14
C VAL A 9 -9.70 -10.22 -3.63
N ILE A 10 -10.05 -9.19 -2.87
CA ILE A 10 -10.03 -9.27 -1.41
C ILE A 10 -11.30 -10.00 -0.98
N GLU A 11 -11.13 -11.19 -0.39
CA GLU A 11 -12.24 -12.02 0.06
C GLU A 11 -11.93 -12.54 1.45
N ASP A 12 -12.74 -12.14 2.42
CA ASP A 12 -12.54 -12.53 3.83
C ASP A 12 -11.13 -12.19 4.28
N ASN A 13 -10.67 -10.99 3.89
CA ASN A 13 -9.36 -10.47 4.29
C ASN A 13 -8.20 -11.32 3.78
N LYS A 14 -8.41 -12.05 2.69
CA LYS A 14 -7.35 -12.72 1.97
C LYS A 14 -7.34 -12.25 0.53
N GLU A 15 -6.14 -12.16 -0.05
CA GLU A 15 -6.01 -11.86 -1.48
C GLU A 15 -6.12 -13.16 -2.25
N VAL A 16 -7.12 -13.23 -3.13
CA VAL A 16 -7.38 -14.42 -3.93
C VAL A 16 -7.14 -14.08 -5.39
N LEU A 17 -6.30 -14.86 -6.07
CA LEU A 17 -5.96 -14.56 -7.45
C LEU A 17 -7.17 -14.63 -8.36
N TYR A 18 -7.35 -13.59 -9.17
CA TYR A 18 -8.38 -13.55 -10.20
C TYR A 18 -7.72 -14.01 -11.50
N ASN A 19 -8.05 -15.23 -11.94
CA ASN A 19 -7.28 -15.89 -12.98
C ASN A 19 -8.08 -16.24 -14.22
N SER A 20 -9.29 -15.72 -14.37
CA SER A 20 -10.04 -15.92 -15.61
C SER A 20 -11.05 -14.80 -15.82
N VAL A 21 -10.98 -14.16 -16.99
CA VAL A 21 -11.95 -13.17 -17.37
C VAL A 21 -13.36 -13.74 -17.46
N SER A 22 -13.49 -15.07 -17.50
CA SER A 22 -14.82 -15.68 -17.56
C SER A 22 -15.62 -15.49 -16.27
N ARG A 23 -14.95 -15.19 -15.14
CA ARG A 23 -15.62 -15.16 -13.84
C ARG A 23 -16.13 -13.74 -13.58
N PHE A 24 -17.46 -13.59 -13.51
CA PHE A 24 -18.05 -12.33 -13.12
C PHE A 24 -17.89 -12.11 -11.62
N LEU A 25 -17.44 -10.92 -11.25
CA LEU A 25 -17.31 -10.55 -9.83
C LEU A 25 -18.48 -9.68 -9.42
N PRO A 26 -18.97 -9.81 -8.18
CA PRO A 26 -19.99 -8.88 -7.70
C PRO A 26 -19.39 -7.50 -7.47
N LYS A 27 -20.28 -6.51 -7.36
CA LYS A 27 -19.86 -5.18 -6.97
C LYS A 27 -19.43 -5.17 -5.50
N LYS A 28 -18.70 -4.13 -5.12
CA LYS A 28 -18.26 -3.89 -3.74
C LYS A 28 -17.18 -4.86 -3.29
N ARG A 29 -16.38 -5.36 -4.24
CA ARG A 29 -15.17 -6.09 -3.92
C ARG A 29 -13.96 -5.19 -4.12
N ARG A 30 -13.04 -5.23 -3.16
CA ARG A 30 -11.76 -4.56 -3.34
C ARG A 30 -10.85 -5.41 -4.23
N LEU A 31 -10.14 -4.75 -5.13
CA LEU A 31 -9.15 -5.39 -5.98
C LEU A 31 -7.78 -4.80 -5.71
N THR A 32 -6.75 -5.62 -5.90
CA THR A 32 -5.37 -5.14 -5.91
C THR A 32 -4.71 -5.64 -7.18
N PHE A 33 -4.16 -4.73 -7.97
CA PHE A 33 -3.34 -5.07 -9.13
C PHE A 33 -1.88 -4.91 -8.73
N LYS A 34 -1.09 -5.96 -8.94
CA LYS A 34 0.28 -6.01 -8.46
C LYS A 34 1.25 -6.22 -9.63
N LEU A 35 2.15 -5.27 -9.81
CA LEU A 35 3.28 -5.42 -10.71
C LEU A 35 4.49 -5.81 -9.89
N SER A 36 5.06 -6.98 -10.16
CA SER A 36 6.24 -7.46 -9.47
C SER A 36 7.44 -7.32 -10.40
N ILE A 37 8.51 -6.70 -9.89
CA ILE A 37 9.71 -6.42 -10.66
C ILE A 37 10.89 -7.07 -9.96
N TYR A 38 11.60 -7.93 -10.68
CA TYR A 38 12.83 -8.54 -10.18
C TYR A 38 14.00 -7.87 -10.88
N PRO A 39 14.67 -6.90 -10.25
CA PRO A 39 15.75 -6.18 -10.93
C PRO A 39 16.91 -7.10 -11.28
N GLY A 40 17.74 -6.61 -12.18
CA GLY A 40 18.89 -7.33 -12.68
C GLY A 40 19.57 -6.49 -13.73
N PRO A 41 20.49 -7.09 -14.48
CA PRO A 41 21.17 -6.35 -15.55
C PRO A 41 20.18 -5.62 -16.45
N GLY A 42 20.43 -4.33 -16.65
CA GLY A 42 19.59 -3.51 -17.48
C GLY A 42 18.24 -3.13 -16.90
N ILE A 43 17.94 -3.47 -15.65
CA ILE A 43 16.63 -3.22 -15.06
C ILE A 43 16.84 -2.47 -13.75
N GLY A 44 16.71 -1.14 -13.79
CA GLY A 44 16.84 -0.32 -12.61
C GLY A 44 15.88 0.85 -12.62
N ASP A 45 16.23 1.91 -13.35
CA ASP A 45 15.35 3.06 -13.48
C ASP A 45 14.33 2.82 -14.56
N LEU A 46 13.06 3.07 -14.23
CA LEU A 46 11.94 2.65 -15.06
C LEU A 46 10.89 3.75 -15.10
N LYS A 47 10.15 3.80 -16.21
CA LYS A 47 8.92 4.56 -16.33
C LYS A 47 7.78 3.57 -16.48
N ILE A 48 6.77 3.69 -15.63
CA ILE A 48 5.66 2.74 -15.58
C ILE A 48 4.35 3.50 -15.59
N ILE A 49 3.42 3.05 -16.42
CA ILE A 49 2.06 3.59 -16.43
C ILE A 49 1.07 2.44 -16.29
N PHE A 50 0.02 2.68 -15.53
CA PHE A 50 -1.12 1.78 -15.44
C PHE A 50 -2.32 2.48 -16.10
N CYS A 51 -3.00 1.78 -16.98
CA CYS A 51 -4.14 2.33 -17.72
C CYS A 51 -5.38 1.54 -17.36
N LYS A 52 -6.33 2.20 -16.69
CA LYS A 52 -7.63 1.60 -16.39
C LYS A 52 -8.66 2.08 -17.39
N ARG A 53 -9.37 1.14 -18.01
CA ARG A 53 -10.37 1.45 -19.02
C ARG A 53 -11.58 0.54 -18.83
N ASN A 54 -12.76 1.05 -19.17
CA ASN A 54 -13.95 0.22 -19.24
C ASN A 54 -14.41 0.12 -20.70
N HIS A 55 -15.14 -0.95 -20.99
CA HIS A 55 -15.40 -1.36 -22.36
C HIS A 55 -16.88 -1.66 -22.57
N GLY A 56 -17.30 -1.60 -23.83
CA GLY A 56 -18.65 -1.91 -24.21
C GLY A 56 -19.42 -0.69 -24.69
N GLN A 57 -20.74 -0.85 -24.81
N GLN A 57 -20.73 -0.86 -24.83
CA GLN A 57 -21.58 0.25 -25.28
CA GLN A 57 -21.60 0.24 -25.27
C GLN A 57 -21.59 1.42 -24.31
C GLN A 57 -21.50 1.43 -24.32
N GLU A 58 -21.38 1.16 -23.02
CA GLU A 58 -21.34 2.21 -22.00
C GLU A 58 -19.91 2.57 -21.60
N ALA A 59 -18.98 2.51 -22.55
CA ALA A 59 -17.64 3.02 -22.30
C ALA A 59 -17.71 4.50 -21.99
N LYS A 60 -16.98 4.92 -20.95
CA LYS A 60 -17.01 6.30 -20.48
C LYS A 60 -15.58 6.78 -20.23
N ASP A 61 -15.28 7.99 -20.70
CA ASP A 61 -14.01 8.61 -20.33
C ASP A 61 -13.92 8.84 -18.83
N ASP A 62 -15.06 9.06 -18.17
CA ASP A 62 -15.08 9.27 -16.73
C ASP A 62 -14.43 8.13 -15.97
N LEU A 63 -14.64 6.89 -16.44
CA LEU A 63 -14.10 5.72 -15.78
C LEU A 63 -12.64 5.45 -16.15
N SER A 64 -12.05 6.24 -17.05
CA SER A 64 -10.67 6.04 -17.46
C SER A 64 -9.73 6.74 -16.49
N GLU A 65 -8.63 6.07 -16.16
CA GLU A 65 -7.59 6.61 -15.30
C GLU A 65 -6.24 6.13 -15.83
N ASP A 66 -5.25 7.03 -15.83
CA ASP A 66 -3.85 6.68 -16.03
C ASP A 66 -3.09 6.95 -14.74
N TYR A 67 -2.31 5.96 -14.29
N TYR A 67 -2.30 5.97 -14.30
CA TYR A 67 -1.46 6.09 -13.10
CA TYR A 67 -1.44 6.11 -13.12
C TYR A 67 -0.02 6.02 -13.57
C TYR A 67 0.00 6.04 -13.58
N SER A 68 0.69 7.14 -13.50
N SER A 68 0.70 7.17 -13.52
CA SER A 68 2.05 7.25 -14.01
CA SER A 68 2.07 7.29 -14.03
C SER A 68 3.04 7.45 -12.88
C SER A 68 3.05 7.46 -12.88
N ILE A 69 4.07 6.59 -12.84
CA ILE A 69 5.14 6.67 -11.86
C ILE A 69 6.47 6.47 -12.56
N SER A 70 7.53 6.73 -11.82
CA SER A 70 8.88 6.36 -12.23
C SER A 70 9.57 5.72 -11.04
N ILE A 71 10.48 4.80 -11.32
CA ILE A 71 11.38 4.26 -10.31
C ILE A 71 12.77 4.79 -10.62
N GLU A 72 13.32 5.57 -9.70
CA GLU A 72 14.63 6.19 -9.88
C GLU A 72 15.42 5.97 -8.61
N ASP A 73 16.58 5.32 -8.73
CA ASP A 73 17.42 4.99 -7.59
CA ASP A 73 17.43 4.98 -7.59
C ASP A 73 16.66 4.15 -6.55
N ASN A 74 15.89 3.17 -7.06
CA ASN A 74 15.10 2.23 -6.26
C ASN A 74 14.02 2.93 -5.44
N LYS A 75 13.68 4.17 -5.77
CA LYS A 75 12.68 4.92 -5.05
C LYS A 75 11.51 5.27 -5.98
N LEU A 76 10.32 5.32 -5.41
CA LEU A 76 9.11 5.59 -6.19
C LEU A 76 8.94 7.09 -6.38
N ILE A 77 8.77 7.51 -7.63
CA ILE A 77 8.48 8.90 -7.97
C ILE A 77 7.05 8.94 -8.51
N ARG A 78 6.19 9.69 -7.83
CA ARG A 78 4.81 9.90 -8.31
C ARG A 78 4.81 10.95 -9.40
N VAL A 79 4.46 10.55 -10.61
CA VAL A 79 4.48 11.48 -11.74
C VAL A 79 3.12 12.12 -11.96
N LYS A 80 2.06 11.32 -12.09
CA LYS A 80 0.75 11.91 -12.34
C LYS A 80 -0.32 10.94 -11.87
N ASN A 81 -1.25 11.43 -11.05
CA ASN A 81 -2.44 10.68 -10.66
C ASN A 81 -2.06 9.36 -9.99
N ALA A 82 -0.99 9.36 -9.22
CA ALA A 82 -0.42 8.13 -8.66
C ALA A 82 -0.45 8.12 -7.14
N ASP A 83 -1.41 8.79 -6.54
CA ASP A 83 -1.42 8.92 -5.07
C ASP A 83 -1.81 7.61 -4.39
N ASN A 84 -2.61 6.78 -5.05
CA ASN A 84 -3.06 5.53 -4.45
C ASN A 84 -2.08 4.39 -4.65
N LEU A 85 -1.04 4.58 -5.47
CA LEU A 85 -0.06 3.53 -5.68
C LEU A 85 0.91 3.46 -4.51
N SER A 86 1.53 2.30 -4.36
CA SER A 86 2.50 2.09 -3.28
C SER A 86 3.53 1.07 -3.75
N LEU A 87 4.75 1.22 -3.26
CA LEU A 87 5.88 0.39 -3.64
C LEU A 87 6.41 -0.33 -2.40
N LEU A 88 6.64 -1.64 -2.52
CA LEU A 88 7.14 -2.46 -1.43
C LEU A 88 8.24 -3.37 -1.94
N ARG A 89 9.33 -3.46 -1.18
CA ARG A 89 10.49 -4.28 -1.54
C ARG A 89 10.52 -5.50 -0.64
N LYS A 90 10.51 -6.70 -1.25
CA LYS A 90 10.51 -7.96 -0.53
C LYS A 90 11.54 -8.90 -1.16
N ASP A 91 12.71 -9.01 -0.54
CA ASP A 91 13.73 -9.98 -0.93
C ASP A 91 14.09 -9.85 -2.41
N GLY A 92 14.72 -8.72 -2.73
CA GLY A 92 15.15 -8.46 -4.09
C GLY A 92 14.02 -8.36 -5.09
N CYS A 93 12.80 -8.13 -4.64
CA CYS A 93 11.65 -7.97 -5.51
C CYS A 93 10.92 -6.70 -5.13
N TYR A 94 10.58 -5.89 -6.13
CA TYR A 94 9.83 -4.66 -5.94
C TYR A 94 8.41 -4.88 -6.43
N VAL A 95 7.43 -4.58 -5.57
CA VAL A 95 6.01 -4.79 -5.86
C VAL A 95 5.31 -3.45 -5.83
N LEU A 96 4.68 -3.10 -6.95
CA LEU A 96 3.88 -1.89 -7.08
C LEU A 96 2.41 -2.31 -7.08
N THR A 97 1.62 -1.73 -6.19
CA THR A 97 0.24 -2.12 -5.99
C THR A 97 -0.69 -0.97 -6.38
N VAL A 98 -1.72 -1.29 -7.17
CA VAL A 98 -2.75 -0.36 -7.56
C VAL A 98 -4.08 -0.87 -7.01
N PRO A 99 -4.74 -0.14 -6.10
CA PRO A 99 -6.03 -0.59 -5.58
C PRO A 99 -7.22 -0.11 -6.39
N GLU A 100 -8.22 -0.97 -6.51
CA GLU A 100 -9.46 -0.62 -7.20
C GLU A 100 -10.62 -1.28 -6.46
N GLU A 101 -11.83 -0.95 -6.91
CA GLU A 101 -13.05 -1.54 -6.37
C GLU A 101 -14.00 -1.84 -7.52
N THR A 102 -14.73 -2.95 -7.40
CA THR A 102 -15.71 -3.29 -8.42
C THR A 102 -16.97 -2.46 -8.19
N LEU A 103 -17.41 -1.74 -9.22
CA LEU A 103 -18.47 -0.76 -9.00
C LEU A 103 -19.46 -0.72 -10.16
N PHE A 104 -18.96 -0.88 -11.38
CA PHE A 104 -19.79 -0.75 -12.58
C PHE A 104 -19.79 -2.05 -13.35
N ARG A 105 -21.00 -2.46 -13.79
CA ARG A 105 -21.15 -3.69 -14.53
C ARG A 105 -20.38 -3.64 -15.85
N GLY A 106 -19.84 -4.79 -16.25
CA GLY A 106 -19.25 -4.92 -17.57
C GLY A 106 -17.79 -5.29 -17.56
N LEU A 107 -17.13 -5.12 -18.69
CA LEU A 107 -15.71 -5.45 -18.83
C LEU A 107 -14.85 -4.24 -18.50
N HIS A 108 -13.83 -4.47 -17.68
CA HIS A 108 -12.85 -3.46 -17.33
C HIS A 108 -11.46 -4.05 -17.49
N THR A 109 -10.50 -3.23 -17.94
CA THR A 109 -9.13 -3.69 -18.09
C THR A 109 -8.19 -2.79 -17.33
N MET A 110 -7.11 -3.39 -16.84
CA MET A 110 -5.97 -2.67 -16.32
C MET A 110 -4.76 -3.11 -17.12
N GLU A 111 -4.13 -2.17 -17.81
CA GLU A 111 -2.92 -2.40 -18.58
C GLU A 111 -1.74 -1.79 -17.85
N VAL A 112 -0.58 -2.45 -17.94
CA VAL A 112 0.66 -1.91 -17.39
C VAL A 112 1.71 -1.89 -18.48
N ILE A 113 2.47 -0.80 -18.56
CA ILE A 113 3.52 -0.62 -19.55
C ILE A 113 4.78 -0.16 -18.81
N VAL A 114 5.89 -0.87 -19.02
CA VAL A 114 7.15 -0.58 -18.35
C VAL A 114 8.20 -0.29 -19.42
N ARG A 115 8.81 0.89 -19.34
CA ARG A 115 9.90 1.27 -20.23
C ARG A 115 11.12 1.68 -19.42
N GLY A 116 12.29 1.55 -20.05
CA GLY A 116 13.52 1.96 -19.42
C GLY A 116 14.57 2.18 -20.48
N ASN A 117 15.73 2.65 -20.04
CA ASN A 117 16.85 2.93 -20.93
C ASN A 117 16.38 3.69 -22.17
N HIS A 118 15.95 4.92 -21.92
CA HIS A 118 15.48 5.84 -22.94
C HIS A 118 14.40 5.19 -23.82
N GLU A 119 13.30 4.83 -23.16
CA GLU A 119 12.02 4.44 -23.75
C GLU A 119 12.00 3.04 -24.34
N THR A 120 13.01 2.22 -24.09
CA THR A 120 12.94 0.83 -24.53
C THR A 120 11.83 0.10 -23.78
N LEU A 121 11.00 -0.64 -24.52
CA LEU A 121 9.92 -1.40 -23.90
C LEU A 121 10.48 -2.61 -23.17
N PHE A 122 10.20 -2.71 -21.87
CA PHE A 122 10.60 -3.88 -21.09
C PHE A 122 9.46 -4.86 -20.89
N TYR A 123 8.24 -4.37 -20.69
CA TYR A 123 7.14 -5.22 -20.29
C TYR A 123 5.83 -4.53 -20.61
N ARG A 124 4.86 -5.31 -21.06
CA ARG A 124 3.47 -4.87 -21.18
C ARG A 124 2.59 -6.05 -20.80
N ASN A 125 1.52 -5.77 -20.08
CA ASN A 125 0.54 -6.81 -19.79
C ASN A 125 -0.81 -6.15 -19.54
N ILE A 126 -1.85 -6.97 -19.56
CA ILE A 126 -3.20 -6.47 -19.42
C ILE A 126 -4.05 -7.54 -18.77
N ILE A 127 -4.94 -7.13 -17.87
CA ILE A 127 -5.86 -8.02 -17.19
C ILE A 127 -7.27 -7.49 -17.36
N GLY A 128 -8.17 -8.34 -17.82
CA GLY A 128 -9.59 -8.01 -17.94
C GLY A 128 -10.35 -8.56 -16.74
N VAL A 129 -11.34 -7.79 -16.29
CA VAL A 129 -12.20 -8.16 -15.18
C VAL A 129 -13.65 -7.91 -15.59
N TYR A 130 -14.51 -8.89 -15.37
CA TYR A 130 -15.94 -8.73 -15.60
C TYR A 130 -16.65 -8.51 -14.27
N ILE A 131 -17.55 -7.54 -14.24
CA ILE A 131 -18.30 -7.18 -13.04
C ILE A 131 -19.79 -7.31 -13.34
N LYS A 132 -20.52 -7.91 -12.41
CA LYS A 132 -21.98 -8.05 -12.51
C LYS A 132 -22.71 -6.73 -12.36
N SER B 1 -14.96 11.13 16.01
CA SER B 1 -13.93 10.40 15.28
C SER B 1 -13.45 9.20 16.07
N GLN B 2 -13.34 8.06 15.40
CA GLN B 2 -12.83 6.83 16.00
C GLN B 2 -11.55 6.40 15.29
N PHE B 3 -10.63 5.83 16.06
CA PHE B 3 -9.36 5.37 15.54
C PHE B 3 -9.15 3.93 15.96
N ASN B 4 -8.42 3.19 15.13
CA ASN B 4 -7.97 1.85 15.48
C ASN B 4 -6.53 1.69 15.01
N PHE B 5 -5.79 0.85 15.71
CA PHE B 5 -4.38 0.62 15.40
C PHE B 5 -4.10 -0.86 15.56
N GLU B 6 -3.65 -1.51 14.49
CA GLU B 6 -3.49 -2.95 14.47
C GLU B 6 -2.18 -3.32 13.79
N CYS B 7 -1.67 -4.49 14.15
CA CYS B 7 -0.49 -5.07 13.55
C CYS B 7 -0.84 -6.42 12.97
N PHE B 8 -0.42 -6.66 11.72
CA PHE B 8 -0.66 -7.91 11.03
C PHE B 8 0.66 -8.51 10.60
N VAL B 9 0.76 -9.83 10.71
CA VAL B 9 1.92 -10.58 10.20
C VAL B 9 1.45 -11.42 9.02
N ILE B 10 2.28 -11.50 7.99
CA ILE B 10 1.97 -12.26 6.78
C ILE B 10 2.39 -13.70 7.02
N GLU B 11 1.41 -14.60 7.09
CA GLU B 11 1.66 -16.02 7.32
C GLU B 11 0.87 -16.82 6.28
N ASP B 12 1.59 -17.45 5.36
CA ASP B 12 1.00 -18.18 4.25
C ASP B 12 0.03 -17.29 3.46
N ASN B 13 0.52 -16.12 3.06
CA ASN B 13 -0.17 -15.23 2.13
C ASN B 13 -1.50 -14.73 2.67
N LYS B 14 -1.60 -14.51 3.98
CA LYS B 14 -2.74 -13.84 4.58
C LYS B 14 -2.28 -12.97 5.72
N GLU B 15 -2.99 -11.86 5.92
CA GLU B 15 -2.71 -10.98 7.06
C GLU B 15 -3.32 -11.58 8.31
N VAL B 16 -2.48 -11.95 9.26
CA VAL B 16 -2.91 -12.53 10.53
C VAL B 16 -2.69 -11.49 11.62
N LEU B 17 -3.75 -11.20 12.38
CA LEU B 17 -3.66 -10.19 13.43
C LEU B 17 -2.62 -10.61 14.46
N TYR B 18 -1.69 -9.72 14.74
CA TYR B 18 -0.68 -9.92 15.77
C TYR B 18 -1.04 -9.04 16.97
N ASN B 19 -1.48 -9.66 18.06
CA ASN B 19 -1.71 -8.92 19.29
C ASN B 19 -0.39 -8.49 19.91
N SER B 20 -0.38 -7.28 20.47
CA SER B 20 0.83 -6.74 21.08
C SER B 20 1.47 -7.73 22.04
N VAL B 21 2.80 -7.85 21.94
CA VAL B 21 3.65 -8.69 22.77
C VAL B 21 2.98 -10.01 23.11
N SER B 22 2.37 -10.66 22.10
CA SER B 22 1.61 -11.89 22.31
C SER B 22 2.39 -13.15 21.96
N ARG B 23 3.46 -13.04 21.17
CA ARG B 23 4.31 -14.18 20.86
C ARG B 23 5.57 -13.68 20.16
N PHE B 24 6.56 -14.56 20.05
CA PHE B 24 7.83 -14.25 19.42
C PHE B 24 7.77 -14.61 17.94
N LEU B 25 8.09 -13.65 17.08
CA LEU B 25 8.08 -13.91 15.65
C LEU B 25 9.48 -14.22 15.15
N PRO B 26 9.61 -15.14 14.21
CA PRO B 26 10.92 -15.36 13.57
C PRO B 26 11.32 -14.15 12.72
N LYS B 27 12.59 -14.14 12.34
CA LYS B 27 13.07 -13.09 11.46
C LYS B 27 12.56 -13.31 10.04
N LYS B 28 12.65 -12.26 9.23
CA LYS B 28 12.30 -12.30 7.81
C LYS B 28 10.81 -12.56 7.61
N ARG B 29 9.99 -12.02 8.52
CA ARG B 29 8.54 -11.97 8.37
C ARG B 29 8.11 -10.55 8.04
N ARG B 30 7.10 -10.42 7.18
CA ARG B 30 6.55 -9.12 6.85
C ARG B 30 5.44 -8.73 7.80
N LEU B 31 5.50 -7.48 8.27
CA LEU B 31 4.50 -6.90 9.16
C LEU B 31 3.82 -5.73 8.46
N THR B 32 2.56 -5.50 8.82
CA THR B 32 1.85 -4.29 8.41
C THR B 32 1.20 -3.69 9.64
N PHE B 33 1.50 -2.44 9.93
CA PHE B 33 0.81 -1.67 10.96
C PHE B 33 -0.22 -0.78 10.29
N LYS B 34 -1.48 -0.89 10.73
CA LYS B 34 -2.59 -0.19 10.08
C LYS B 34 -3.27 0.73 11.09
N LEU B 35 -3.28 2.02 10.78
CA LEU B 35 -4.08 3.00 11.51
C LEU B 35 -5.35 3.24 10.71
N SER B 36 -6.50 2.95 11.32
CA SER B 36 -7.78 3.18 10.67
C SER B 36 -8.44 4.41 11.27
N ILE B 37 -8.89 5.31 10.39
CA ILE B 37 -9.48 6.59 10.82
C ILE B 37 -10.92 6.63 10.33
N TYR B 38 -11.85 6.73 11.28
CA TYR B 38 -13.26 6.91 10.96
C TYR B 38 -13.57 8.39 11.18
N PRO B 39 -13.41 9.24 10.16
CA PRO B 39 -13.45 10.68 10.39
C PRO B 39 -14.86 11.15 10.75
N GLY B 40 -14.93 12.00 11.76
CA GLY B 40 -16.17 12.65 12.12
C GLY B 40 -16.25 14.03 11.48
N PRO B 41 -17.38 14.71 11.65
CA PRO B 41 -17.54 16.03 11.02
C PRO B 41 -16.64 17.06 11.67
N GLY B 42 -16.10 17.95 10.83
CA GLY B 42 -15.24 19.01 11.33
C GLY B 42 -13.98 18.52 12.00
N ILE B 43 -13.46 17.37 11.59
CA ILE B 43 -12.25 16.84 12.22
C ILE B 43 -11.03 17.68 11.84
N GLY B 44 -11.07 18.34 10.69
CA GLY B 44 -9.97 19.21 10.27
C GLY B 44 -8.78 18.41 9.80
N ASP B 45 -7.74 19.15 9.40
CA ASP B 45 -6.50 18.53 8.98
C ASP B 45 -5.84 17.83 10.16
N LEU B 46 -5.10 16.76 9.86
CA LEU B 46 -4.47 15.92 10.87
C LEU B 46 -2.97 15.87 10.64
N LYS B 47 -2.23 15.79 11.75
CA LYS B 47 -0.80 15.51 11.73
C LYS B 47 -0.59 14.16 12.42
N ILE B 48 0.03 13.22 11.72
CA ILE B 48 0.19 11.86 12.20
C ILE B 48 1.66 11.49 12.13
N ILE B 49 2.15 10.84 13.19
CA ILE B 49 3.53 10.34 13.20
C ILE B 49 3.53 8.91 13.74
N PHE B 50 4.30 8.04 13.08
CA PHE B 50 4.58 6.70 13.57
C PHE B 50 6.03 6.66 14.04
N CYS B 51 6.27 6.06 15.20
CA CYS B 51 7.60 6.01 15.79
C CYS B 51 7.98 4.55 16.02
N LYS B 52 9.04 4.11 15.36
CA LYS B 52 9.56 2.75 15.51
C LYS B 52 10.79 2.80 16.41
N ARG B 53 10.81 1.98 17.46
CA ARG B 53 11.91 1.93 18.41
C ARG B 53 12.16 0.49 18.83
N ASN B 54 13.42 0.16 19.11
CA ASN B 54 13.72 -1.13 19.72
C ASN B 54 14.17 -0.94 21.17
N HIS B 55 14.01 -2.01 21.95
CA HIS B 55 14.16 -1.94 23.40
C HIS B 55 15.05 -3.06 23.90
N GLY B 56 15.61 -2.86 25.08
CA GLY B 56 16.44 -3.85 25.74
C GLY B 56 17.90 -3.43 25.82
N GLN B 57 18.74 -4.41 26.14
CA GLN B 57 20.18 -4.18 26.29
C GLN B 57 20.81 -3.75 24.97
N GLU B 58 20.20 -4.09 23.84
CA GLU B 58 20.73 -3.74 22.52
C GLU B 58 19.92 -2.65 21.85
N ALA B 59 19.34 -1.75 22.64
CA ALA B 59 18.69 -0.57 22.08
C ALA B 59 19.67 0.18 21.20
N LYS B 60 19.25 0.49 19.98
CA LYS B 60 20.13 1.07 18.96
C LYS B 60 19.42 2.21 18.23
N ASP B 61 20.09 3.37 18.18
CA ASP B 61 19.52 4.51 17.46
C ASP B 61 19.39 4.23 15.97
N ASP B 62 20.26 3.39 15.40
CA ASP B 62 20.21 3.16 13.96
C ASP B 62 18.99 2.35 13.54
N LEU B 63 18.29 1.72 14.48
CA LEU B 63 17.06 1.01 14.15
C LEU B 63 15.81 1.86 14.33
N SER B 64 15.95 3.08 14.87
CA SER B 64 14.80 3.95 15.08
C SER B 64 14.39 4.65 13.79
N GLU B 65 13.09 4.79 13.58
CA GLU B 65 12.57 5.55 12.46
C GLU B 65 11.32 6.30 12.87
N ASP B 66 11.14 7.50 12.33
CA ASP B 66 9.90 8.26 12.45
C ASP B 66 9.31 8.45 11.07
N TYR B 67 8.02 8.14 10.93
CA TYR B 67 7.29 8.34 9.67
C TYR B 67 6.25 9.41 9.91
N SER B 68 6.37 10.53 9.22
CA SER B 68 5.51 11.70 9.43
CA SER B 68 5.53 11.71 9.42
C SER B 68 4.67 11.97 8.18
N ILE B 69 3.35 12.07 8.39
CA ILE B 69 2.42 12.40 7.32
C ILE B 69 1.39 13.39 7.85
N SER B 70 0.75 14.08 6.92
CA SER B 70 -0.38 14.94 7.24
C SER B 70 -1.55 14.54 6.35
N ILE B 71 -2.75 14.85 6.82
CA ILE B 71 -3.96 14.80 6.00
C ILE B 71 -4.47 16.22 5.91
N GLU B 72 -4.35 16.83 4.74
CA GLU B 72 -4.71 18.23 4.52
C GLU B 72 -5.68 18.29 3.35
N ASP B 73 -6.85 18.87 3.58
CA ASP B 73 -7.92 18.91 2.58
C ASP B 73 -8.22 17.51 2.04
N ASN B 74 -8.24 16.54 2.95
CA ASN B 74 -8.62 15.15 2.66
C ASN B 74 -7.65 14.48 1.69
N LYS B 75 -6.40 14.91 1.65
CA LYS B 75 -5.38 14.26 0.84
C LYS B 75 -4.17 13.95 1.70
N LEU B 76 -3.45 12.90 1.32
CA LEU B 76 -2.25 12.49 2.05
C LEU B 76 -1.08 13.38 1.67
N ILE B 77 -0.40 13.91 2.68
CA ILE B 77 0.82 14.69 2.49
C ILE B 77 1.94 13.93 3.20
N ARG B 78 2.95 13.54 2.44
CA ARG B 78 4.12 12.83 2.98
C ARG B 78 5.10 13.86 3.50
N VAL B 79 5.23 13.96 4.81
CA VAL B 79 5.99 15.05 5.42
C VAL B 79 7.46 14.69 5.58
N LYS B 80 7.76 13.52 6.14
CA LYS B 80 9.16 13.17 6.35
C LYS B 80 9.28 11.65 6.46
N ASN B 81 10.18 11.09 5.65
CA ASN B 81 10.54 9.68 5.75
C ASN B 81 9.30 8.79 5.64
N ALA B 82 8.41 9.15 4.71
CA ALA B 82 7.10 8.50 4.62
C ALA B 82 6.86 7.88 3.25
N ASP B 83 7.92 7.54 2.52
CA ASP B 83 7.75 7.01 1.17
C ASP B 83 7.10 5.63 1.17
N ASN B 84 7.31 4.83 2.22
CA ASN B 84 6.75 3.49 2.25
C ASN B 84 5.30 3.45 2.75
N LEU B 85 4.77 4.57 3.24
CA LEU B 85 3.41 4.60 3.74
C LEU B 85 2.41 4.70 2.60
N SER B 86 1.22 4.15 2.80
CA SER B 86 0.17 4.20 1.80
C SER B 86 -1.18 4.41 2.50
N LEU B 87 -2.12 5.01 1.77
CA LEU B 87 -3.43 5.38 2.33
C LEU B 87 -4.53 4.83 1.44
N LEU B 88 -5.32 3.90 1.97
CA LEU B 88 -6.43 3.28 1.25
C LEU B 88 -7.75 3.80 1.82
N ARG B 89 -8.64 4.24 0.94
CA ARG B 89 -9.94 4.78 1.32
C ARG B 89 -11.00 3.69 1.17
N LYS B 90 -11.68 3.38 2.27
CA LYS B 90 -12.77 2.42 2.28
C LYS B 90 -14.08 3.14 2.56
N ASP B 91 -15.17 2.38 2.62
CA ASP B 91 -16.47 2.95 2.92
C ASP B 91 -16.50 3.49 4.34
N GLY B 92 -16.23 4.78 4.50
CA GLY B 92 -16.33 5.40 5.81
C GLY B 92 -15.12 5.29 6.70
N CYS B 93 -13.96 5.01 6.14
CA CYS B 93 -12.74 4.96 6.95
C CYS B 93 -11.53 5.07 6.04
N TYR B 94 -10.50 5.77 6.52
CA TYR B 94 -9.19 5.82 5.88
C TYR B 94 -8.27 4.85 6.59
N VAL B 95 -7.37 4.20 5.85
CA VAL B 95 -6.41 3.27 6.42
C VAL B 95 -5.01 3.66 5.96
N LEU B 96 -4.14 3.96 6.93
CA LEU B 96 -2.72 4.24 6.68
C LEU B 96 -1.92 3.00 7.06
N THR B 97 -1.15 2.48 6.11
CA THR B 97 -0.40 1.24 6.32
C THR B 97 1.09 1.52 6.34
N VAL B 98 1.77 1.04 7.38
CA VAL B 98 3.20 1.15 7.55
C VAL B 98 3.80 -0.25 7.48
N PRO B 99 4.58 -0.58 6.45
CA PRO B 99 5.16 -1.92 6.33
C PRO B 99 6.51 -2.03 7.04
N GLU B 100 6.73 -3.17 7.68
CA GLU B 100 8.01 -3.46 8.31
C GLU B 100 8.35 -4.92 8.07
N GLU B 101 9.58 -5.28 8.43
CA GLU B 101 10.07 -6.64 8.36
C GLU B 101 10.75 -6.96 9.68
N THR B 102 10.63 -8.21 10.14
CA THR B 102 11.28 -8.62 11.37
C THR B 102 12.73 -8.96 11.09
N LEU B 103 13.65 -8.30 11.79
CA LEU B 103 15.08 -8.41 11.45
C LEU B 103 16.02 -8.45 12.65
N PHE B 104 15.62 -7.97 13.83
CA PHE B 104 16.52 -7.83 14.97
C PHE B 104 15.84 -8.43 16.19
N ARG B 105 16.58 -9.23 16.95
CA ARG B 105 16.01 -9.92 18.11
C ARG B 105 15.56 -8.92 19.17
N GLY B 106 14.47 -9.26 19.87
CA GLY B 106 14.07 -8.51 21.04
C GLY B 106 12.71 -7.84 20.90
N LEU B 107 12.46 -6.87 21.78
CA LEU B 107 11.22 -6.11 21.77
C LEU B 107 11.34 -4.86 20.91
N HIS B 108 10.32 -4.63 20.09
CA HIS B 108 10.24 -3.43 19.27
C HIS B 108 8.84 -2.86 19.45
N THR B 109 8.72 -1.54 19.35
CA THR B 109 7.41 -0.91 19.43
C THR B 109 7.18 -0.03 18.20
N MET B 110 5.92 0.02 17.79
CA MET B 110 5.45 1.03 16.86
C MET B 110 4.39 1.84 17.59
N GLU B 111 4.65 3.13 17.74
CA GLU B 111 3.70 4.05 18.36
C GLU B 111 3.13 4.98 17.28
N VAL B 112 1.86 5.33 17.43
CA VAL B 112 1.20 6.27 16.52
C VAL B 112 0.63 7.41 17.36
N ILE B 113 0.80 8.64 16.86
CA ILE B 113 0.30 9.85 17.49
C ILE B 113 -0.45 10.67 16.46
N VAL B 114 -1.71 11.01 16.75
CA VAL B 114 -2.55 11.79 15.85
C VAL B 114 -2.91 13.10 16.53
N ARG B 115 -2.55 14.21 15.91
CA ARG B 115 -2.94 15.53 16.37
C ARG B 115 -3.70 16.27 15.27
N GLY B 116 -4.54 17.20 15.68
CA GLY B 116 -5.35 17.95 14.74
C GLY B 116 -5.28 19.44 14.93
N ASN B 117 -6.44 20.10 14.97
CA ASN B 117 -6.49 21.55 15.12
C ASN B 117 -5.80 21.98 16.40
N HIS B 118 -4.90 22.97 16.27
CA HIS B 118 -4.19 23.55 17.41
C HIS B 118 -3.33 22.54 18.15
N GLU B 119 -2.81 21.55 17.41
CA GLU B 119 -1.97 20.49 17.96
C GLU B 119 -2.70 19.68 19.05
N THR B 120 -4.03 19.69 19.02
CA THR B 120 -4.81 18.91 19.98
C THR B 120 -4.58 17.43 19.78
N LEU B 121 -4.35 16.70 20.86
CA LEU B 121 -4.14 15.26 20.79
C LEU B 121 -5.48 14.57 20.52
N PHE B 122 -5.56 13.87 19.38
CA PHE B 122 -6.75 13.08 19.07
C PHE B 122 -6.59 11.61 19.41
N TYR B 123 -5.38 11.06 19.30
CA TYR B 123 -5.20 9.63 19.46
C TYR B 123 -3.74 9.30 19.70
N ARG B 124 -3.50 8.30 20.53
CA ARG B 124 -2.17 7.74 20.73
CA ARG B 124 -2.17 7.73 20.70
C ARG B 124 -2.33 6.25 21.00
N ASN B 125 -1.51 5.44 20.36
CA ASN B 125 -1.51 4.01 20.66
C ASN B 125 -0.14 3.45 20.36
N ILE B 126 0.08 2.22 20.80
CA ILE B 126 1.39 1.59 20.69
C ILE B 126 1.19 0.09 20.65
N ILE B 127 2.00 -0.59 19.85
CA ILE B 127 1.99 -2.04 19.74
C ILE B 127 3.43 -2.52 19.83
N GLY B 128 3.65 -3.56 20.63
CA GLY B 128 4.97 -4.14 20.78
C GLY B 128 5.05 -5.47 20.06
N VAL B 129 6.24 -5.76 19.50
CA VAL B 129 6.47 -6.99 18.76
C VAL B 129 7.73 -7.64 19.30
N TYR B 130 7.63 -8.93 19.63
CA TYR B 130 8.79 -9.73 20.03
C TYR B 130 9.33 -10.46 18.80
N ILE B 131 10.64 -10.40 18.61
CA ILE B 131 11.31 -11.06 17.49
C ILE B 131 12.40 -11.98 18.04
N LYS B 132 12.45 -13.20 17.49
CA LYS B 132 13.46 -14.18 17.90
C LYS B 132 14.87 -13.77 17.46
#